data_5V7R
#
_entry.id   5V7R
#
_cell.length_a   83.903
_cell.length_b   83.903
_cell.length_c   109.424
_cell.angle_alpha   90.00
_cell.angle_beta   90.00
_cell.angle_gamma   90.00
#
_symmetry.space_group_name_H-M   'P 41'
#
loop_
_entity.id
_entity.type
_entity.pdbx_description
1 polymer 'CBTAU-7.1 Fab light chain'
2 polymer 'CBTAU-7.1 Fab heavy chain'
3 water water
#
loop_
_entity_poly.entity_id
_entity_poly.type
_entity_poly.pdbx_seq_one_letter_code
_entity_poly.pdbx_strand_id
1 'polypeptide(L)'
;DIVMTQSPDTLSLSPGERATLSCRASQIISSNYLAWYQQQPGQAPRLLIYGASSRATGIPDRFSGSGSATDFTLTISRLE
PEDFAVYYCQQYGTSPRTFGQGTKLEIKRTVAAPSVFIFPPSDEQLKSGTASVVCLLNNFYPREAKVQWKVDNALQSGNS
QESVTEQDSKDSTYSLSSTLTLSKADYEKHKVYACEVTHQGLSSPVTKSFNRGEC
;
L
2 'polypeptide(L)'
;QVQLVESGGGLVQPGGSLRLSCAASGFTFSSYWMHWVRQAPGKGLVWVSRINSDGSDTNYADSVKGRFTFSRDNAKNTLY
LQMTSLRAEDTAIYYCTRGRSYGFFDYWGQGALVTVSSASTKGPSVFPLAPSSKSTSGGTAALGCLVKDYFPEPVTVSWN
SGALTSGVHTFPAVLQSSGLYSLSSVVTVPSSSLGTQTYICNVNHKPSNTKVDKRVEPKSCHHHHHH
;
H
#
# COMPACT_ATOMS: atom_id res chain seq x y z
N ASP A 1 -3.62 22.71 -19.27
CA ASP A 1 -4.81 21.86 -19.14
C ASP A 1 -5.67 22.24 -17.95
N ILE A 2 -6.77 21.51 -17.80
CA ILE A 2 -7.65 21.66 -16.66
C ILE A 2 -6.97 21.18 -15.38
N VAL A 3 -7.08 21.98 -14.32
CA VAL A 3 -6.62 21.56 -12.99
C VAL A 3 -7.83 21.30 -12.11
N MET A 4 -7.82 20.17 -11.39
CA MET A 4 -8.88 19.80 -10.47
C MET A 4 -8.41 19.90 -9.01
N THR A 5 -9.05 20.75 -8.22
CA THR A 5 -8.61 20.96 -6.85
C THR A 5 -9.61 20.45 -5.82
N GLN A 6 -9.15 19.52 -5.01
CA GLN A 6 -10.02 18.94 -4.00
C GLN A 6 -9.79 19.60 -2.65
N SER A 7 -10.81 19.61 -1.81
CA SER A 7 -10.67 20.04 -0.44
C SER A 7 -11.72 19.37 0.43
N PRO A 8 -11.41 19.13 1.71
CA PRO A 8 -10.12 19.30 2.38
C PRO A 8 -9.15 18.22 1.94
N ASP A 9 -7.87 18.38 2.24
CA ASP A 9 -6.89 17.35 1.90
C ASP A 9 -7.13 16.16 2.80
N THR A 10 -7.60 16.47 4.00
CA THR A 10 -7.71 15.52 5.08
C THR A 10 -9.06 15.65 5.77
N LEU A 11 -9.66 14.52 6.09
CA LEU A 11 -10.92 14.51 6.82
C LEU A 11 -10.91 13.32 7.78
N SER A 12 -11.37 13.56 9.01
CA SER A 12 -11.44 12.54 10.04
C SER A 12 -12.79 12.61 10.77
N LEU A 13 -13.62 11.58 10.61
CA LEU A 13 -15.02 11.61 11.07
C LEU A 13 -15.46 10.26 11.64
N SER A 14 -16.39 10.29 12.58
CA SER A 14 -16.87 9.07 13.24
C SER A 14 -17.88 8.34 12.38
N PRO A 15 -18.01 7.02 12.55
CA PRO A 15 -19.08 6.30 11.83
C PRO A 15 -20.45 6.89 12.15
N GLY A 16 -21.39 6.82 11.22
CA GLY A 16 -22.67 7.47 11.42
C GLY A 16 -22.69 8.88 10.86
N GLU A 17 -21.57 9.58 10.94
CA GLU A 17 -21.53 10.97 10.50
C GLU A 17 -21.52 11.09 8.99
N ARG A 18 -21.56 12.33 8.51
CA ARG A 18 -21.64 12.59 7.08
C ARG A 18 -20.40 13.35 6.63
N ALA A 19 -19.82 12.90 5.52
CA ALA A 19 -18.64 13.54 4.93
C ALA A 19 -19.00 14.32 3.70
N THR A 20 -18.48 15.53 3.60
CA THR A 20 -18.74 16.40 2.46
C THR A 20 -17.43 16.77 1.76
N LEU A 21 -17.26 16.28 0.53
CA LEU A 21 -16.02 16.43 -0.22
C LEU A 21 -16.19 17.33 -1.45
N SER A 22 -15.25 18.24 -1.65
CA SER A 22 -15.34 19.22 -2.73
C SER A 22 -14.30 19.02 -3.84
N CYS A 23 -14.71 19.34 -5.06
CA CYS A 23 -13.85 19.33 -6.24
C CYS A 23 -14.11 20.60 -7.02
N ARG A 24 -13.11 21.44 -7.19
CA ARG A 24 -13.33 22.62 -8.01
C ARG A 24 -12.42 22.55 -9.23
N ALA A 25 -12.96 22.94 -10.38
CA ALA A 25 -12.25 22.84 -11.65
C ALA A 25 -11.85 24.20 -12.19
N SER A 26 -10.74 24.25 -12.90
CA SER A 26 -10.21 25.50 -13.44
C SER A 26 -10.82 25.88 -14.78
N GLN A 27 -11.75 25.06 -15.28
CA GLN A 27 -12.52 25.36 -16.49
C GLN A 27 -13.92 24.81 -16.29
N ILE A 28 -14.89 25.32 -17.05
CA ILE A 28 -16.21 24.70 -17.07
C ILE A 28 -16.10 23.27 -17.56
N ILE A 29 -16.66 22.33 -16.80
CA ILE A 29 -16.64 20.94 -17.20
C ILE A 29 -17.91 20.58 -17.97
N SER A 30 -17.79 20.57 -19.30
CA SER A 30 -18.93 20.46 -20.22
C SER A 30 -19.81 19.24 -19.96
N SER A 31 -21.08 19.35 -20.38
CA SER A 31 -22.10 18.41 -19.97
C SER A 31 -22.00 18.31 -18.46
N ASN A 32 -21.86 17.11 -17.93
CA ASN A 32 -21.47 17.02 -16.53
C ASN A 32 -20.48 15.90 -16.38
N TYR A 33 -19.44 15.93 -17.18
CA TYR A 33 -18.55 14.81 -17.30
C TYR A 33 -17.56 14.79 -16.14
N LEU A 34 -18.09 14.59 -14.94
CA LEU A 34 -17.28 14.52 -13.74
C LEU A 34 -17.49 13.19 -13.01
N ALA A 35 -16.40 12.47 -12.73
CA ALA A 35 -16.48 11.19 -12.02
C ALA A 35 -15.77 11.25 -10.65
N TRP A 36 -16.26 10.42 -9.72
CA TRP A 36 -15.63 10.22 -8.42
C TRP A 36 -15.20 8.78 -8.24
N TYR A 37 -14.06 8.60 -7.58
CA TYR A 37 -13.50 7.28 -7.33
C TYR A 37 -13.13 7.13 -5.87
N GLN A 38 -13.14 5.88 -5.41
CA GLN A 38 -12.71 5.55 -4.06
C GLN A 38 -11.53 4.61 -4.15
N GLN A 39 -10.46 4.91 -3.41
CA GLN A 39 -9.31 4.01 -3.41
C GLN A 39 -8.95 3.61 -2.01
N GLN A 40 -9.10 2.33 -1.75
CA GLN A 40 -8.75 1.77 -0.46
C GLN A 40 -7.30 1.30 -0.55
N PRO A 41 -6.61 1.24 0.60
CA PRO A 41 -5.18 0.92 0.61
C PRO A 41 -4.83 -0.36 -0.12
N GLY A 42 -3.83 -0.28 -1.00
CA GLY A 42 -3.32 -1.45 -1.69
C GLY A 42 -4.28 -1.97 -2.74
N GLN A 43 -5.27 -1.15 -3.08
CA GLN A 43 -6.28 -1.55 -4.05
C GLN A 43 -6.39 -0.56 -5.18
N ALA A 44 -6.77 -1.06 -6.34
CA ALA A 44 -7.12 -0.23 -7.45
C ALA A 44 -8.26 0.71 -7.07
N PRO A 45 -8.30 1.88 -7.70
CA PRO A 45 -9.42 2.79 -7.54
C PRO A 45 -10.72 2.13 -7.97
N ARG A 46 -11.81 2.51 -7.32
CA ARG A 46 -13.11 1.95 -7.62
C ARG A 46 -14.06 3.09 -7.94
N LEU A 47 -14.77 2.99 -9.05
CA LEU A 47 -15.67 4.06 -9.49
C LEU A 47 -16.92 4.18 -8.63
N LEU A 48 -17.19 5.39 -8.14
CA LEU A 48 -18.40 5.64 -7.37
C LEU A 48 -19.47 6.30 -8.24
N ILE A 49 -19.07 7.39 -8.87
CA ILE A 49 -19.98 8.33 -9.51
C ILE A 49 -19.51 8.67 -10.91
N TYR A 50 -20.44 8.75 -11.85
CA TYR A 50 -20.16 9.31 -13.17
C TYR A 50 -21.24 10.30 -13.54
N GLY A 51 -20.99 11.16 -14.52
CA GLY A 51 -22.00 12.14 -14.92
C GLY A 51 -22.34 13.10 -13.80
N ALA A 52 -21.36 13.31 -12.91
CA ALA A 52 -21.49 14.14 -11.71
C ALA A 52 -22.41 13.55 -10.63
N SER A 53 -23.48 12.88 -11.04
CA SER A 53 -24.54 12.49 -10.09
C SER A 53 -25.08 11.07 -10.26
N SER A 54 -24.57 10.34 -11.24
CA SER A 54 -25.06 8.98 -11.49
C SER A 54 -24.16 7.93 -10.81
N ARG A 55 -24.75 7.09 -9.95
CA ARG A 55 -23.99 6.08 -9.20
C ARG A 55 -23.63 4.86 -10.05
N ALA A 56 -22.35 4.50 -10.04
CA ALA A 56 -21.86 3.30 -10.74
C ALA A 56 -22.49 2.04 -10.16
N THR A 57 -22.43 0.95 -10.93
CA THR A 57 -23.16 -0.26 -10.59
C THR A 57 -22.60 -0.89 -9.31
N GLY A 58 -23.51 -1.26 -8.41
CA GLY A 58 -23.12 -1.88 -7.15
C GLY A 58 -22.67 -0.90 -6.09
N ILE A 59 -22.84 0.40 -6.35
CA ILE A 59 -22.47 1.43 -5.38
C ILE A 59 -23.64 1.80 -4.48
N PRO A 60 -23.45 1.74 -3.15
CA PRO A 60 -24.50 2.03 -2.17
C PRO A 60 -25.09 3.42 -2.37
N ASP A 61 -26.30 3.62 -1.87
CA ASP A 61 -27.03 4.85 -2.13
C ASP A 61 -26.58 5.99 -1.23
N ARG A 62 -25.82 5.69 -0.20
CA ARG A 62 -25.39 6.73 0.72
C ARG A 62 -24.23 7.57 0.12
N PHE A 63 -23.70 7.13 -1.02
CA PHE A 63 -22.82 7.96 -1.84
C PHE A 63 -23.63 8.78 -2.86
N SER A 64 -23.60 10.11 -2.77
CA SER A 64 -24.27 10.92 -3.77
C SER A 64 -23.43 12.12 -4.26
N GLY A 65 -23.34 12.27 -5.58
CA GLY A 65 -22.61 13.38 -6.18
C GLY A 65 -23.51 14.49 -6.72
N SER A 66 -23.09 15.73 -6.51
CA SER A 66 -23.83 16.89 -7.03
C SER A 66 -22.86 17.95 -7.54
N GLY A 67 -23.41 19.00 -8.15
CA GLY A 67 -22.64 20.11 -8.68
C GLY A 67 -22.86 20.24 -10.17
N SER A 68 -22.37 21.32 -10.80
CA SER A 68 -22.65 21.50 -12.22
C SER A 68 -21.54 22.08 -13.09
N ALA A 69 -20.96 23.21 -12.72
CA ALA A 69 -20.10 23.90 -13.69
C ALA A 69 -18.64 23.75 -13.31
N THR A 70 -18.26 24.40 -12.21
CA THR A 70 -16.90 24.31 -11.71
C THR A 70 -16.87 23.71 -10.32
N ASP A 71 -18.01 23.79 -9.63
CA ASP A 71 -18.10 23.28 -8.26
C ASP A 71 -18.79 21.94 -8.20
N PHE A 72 -18.16 20.95 -7.57
CA PHE A 72 -18.74 19.63 -7.46
C PHE A 72 -18.59 19.09 -6.04
N THR A 73 -19.36 18.06 -5.72
CA THR A 73 -19.45 17.60 -4.35
C THR A 73 -19.79 16.11 -4.25
N LEU A 74 -19.03 15.39 -3.41
CA LEU A 74 -19.37 14.01 -3.08
C LEU A 74 -19.80 13.93 -1.62
N THR A 75 -21.02 13.50 -1.38
CA THR A 75 -21.54 13.42 -0.03
C THR A 75 -21.63 11.96 0.38
N ILE A 76 -20.98 11.61 1.49
CA ILE A 76 -21.07 10.26 2.03
C ILE A 76 -21.76 10.32 3.39
N SER A 77 -22.98 9.82 3.46
CA SER A 77 -23.87 10.22 4.54
C SER A 77 -23.88 9.34 5.79
N ARG A 78 -23.56 8.05 5.68
CA ARG A 78 -23.61 7.27 6.91
C ARG A 78 -22.37 6.42 7.01
N LEU A 79 -21.27 7.11 7.29
CA LEU A 79 -19.93 6.53 7.30
C LEU A 79 -19.85 5.22 8.07
N GLU A 80 -19.23 4.25 7.41
CA GLU A 80 -18.87 2.98 8.00
C GLU A 80 -17.34 2.92 8.09
N PRO A 81 -16.81 2.05 8.97
CA PRO A 81 -15.35 1.89 9.07
C PRO A 81 -14.70 1.55 7.74
N GLU A 82 -15.37 0.73 6.92
CA GLU A 82 -14.90 0.38 5.58
C GLU A 82 -14.74 1.57 4.62
N ASP A 83 -15.18 2.76 5.02
CA ASP A 83 -15.16 3.91 4.11
C ASP A 83 -13.83 4.67 4.14
N PHE A 84 -12.94 4.27 5.03
CA PHE A 84 -11.59 4.81 5.05
C PHE A 84 -10.99 4.62 3.67
N ALA A 85 -10.53 5.71 3.09
CA ALA A 85 -10.05 5.71 1.72
C ALA A 85 -9.52 7.07 1.33
N VAL A 86 -8.84 7.10 0.19
CA VAL A 86 -8.61 8.33 -0.54
C VAL A 86 -9.69 8.47 -1.62
N TYR A 87 -10.32 9.63 -1.69
CA TYR A 87 -11.35 9.88 -2.70
C TYR A 87 -10.89 10.87 -3.77
N TYR A 88 -10.98 10.45 -5.03
CA TYR A 88 -10.54 11.27 -6.15
C TYR A 88 -11.71 11.72 -7.02
N CYS A 89 -11.71 12.99 -7.40
CA CYS A 89 -12.59 13.45 -8.48
C CYS A 89 -11.86 13.39 -9.83
N GLN A 90 -12.62 13.43 -10.93
CA GLN A 90 -12.05 13.29 -12.27
C GLN A 90 -12.95 13.86 -13.36
N GLN A 91 -12.38 14.80 -14.10
CA GLN A 91 -12.90 15.44 -15.31
C GLN A 91 -12.66 14.48 -16.48
N TYR A 92 -13.65 14.20 -17.33
CA TYR A 92 -13.33 13.42 -18.56
C TYR A 92 -13.91 14.02 -19.86
N GLY A 93 -14.09 15.33 -19.83
CA GLY A 93 -14.55 16.09 -20.98
C GLY A 93 -13.43 16.25 -21.99
N THR A 94 -12.21 16.46 -21.51
CA THR A 94 -11.06 16.74 -22.37
C THR A 94 -9.84 15.92 -21.94
N SER A 95 -9.07 15.45 -22.92
CA SER A 95 -7.75 14.92 -22.65
C SER A 95 -6.89 16.05 -22.10
N PRO A 96 -6.05 15.76 -21.08
CA PRO A 96 -5.94 14.46 -20.43
C PRO A 96 -7.08 14.33 -19.44
N ARG A 97 -7.51 13.13 -19.14
CA ARG A 97 -8.68 13.02 -18.32
C ARG A 97 -8.21 13.24 -16.87
N THR A 98 -8.24 14.51 -16.45
CA THR A 98 -7.56 14.98 -15.24
C THR A 98 -8.24 14.56 -13.93
N PHE A 99 -7.44 14.09 -12.98
CA PHE A 99 -7.89 13.76 -11.62
C PHE A 99 -7.53 14.84 -10.63
N GLY A 100 -8.32 15.00 -9.58
CA GLY A 100 -7.89 15.83 -8.46
C GLY A 100 -6.85 15.10 -7.63
N GLN A 101 -6.32 15.79 -6.62
CA GLN A 101 -5.20 15.25 -5.86
C GLN A 101 -5.67 14.44 -4.62
N GLY A 102 -6.98 14.26 -4.48
CA GLY A 102 -7.49 13.37 -3.45
C GLY A 102 -7.84 13.99 -2.09
N THR A 103 -8.94 13.51 -1.50
CA THR A 103 -9.24 13.77 -0.10
C THR A 103 -9.08 12.48 0.70
N LYS A 104 -8.21 12.50 1.70
CA LYS A 104 -7.98 11.29 2.48
C LYS A 104 -8.90 11.27 3.68
N LEU A 105 -9.75 10.25 3.73
CA LEU A 105 -10.75 10.14 4.78
C LEU A 105 -10.29 9.12 5.83
N GLU A 106 -10.08 9.60 7.06
CA GLU A 106 -9.85 8.70 8.18
C GLU A 106 -11.15 8.52 8.97
N ILE A 107 -11.48 7.32 9.42
CA ILE A 107 -12.68 7.26 10.23
C ILE A 107 -12.32 7.01 11.71
N LYS A 108 -12.85 7.88 12.58
CA LYS A 108 -12.57 7.88 14.00
C LYS A 108 -13.11 6.64 14.70
N ARG A 109 -12.45 6.29 15.81
CA ARG A 109 -12.93 5.25 16.71
C ARG A 109 -12.54 5.71 18.10
N THR A 110 -12.90 4.98 19.14
CA THR A 110 -12.44 5.35 20.47
C THR A 110 -10.94 5.10 20.66
N VAL A 111 -10.35 5.83 21.60
CA VAL A 111 -8.94 5.67 21.92
C VAL A 111 -8.60 4.24 22.27
N ALA A 112 -7.44 3.80 21.78
CA ALA A 112 -6.96 2.46 22.05
C ALA A 112 -5.46 2.50 22.21
N ALA A 113 -5.01 2.08 23.39
CA ALA A 113 -3.60 2.00 23.70
C ALA A 113 -2.99 0.84 22.94
N PRO A 114 -1.74 0.99 22.49
CA PRO A 114 -1.06 -0.12 21.80
C PRO A 114 -0.69 -1.24 22.77
N SER A 115 -0.76 -2.49 22.32
CA SER A 115 -0.06 -3.61 22.95
C SER A 115 1.36 -3.59 22.39
N VAL A 116 2.36 -3.66 23.25
CA VAL A 116 3.75 -3.53 22.81
C VAL A 116 4.53 -4.85 22.95
N PHE A 117 5.23 -5.24 21.90
CA PHE A 117 6.10 -6.40 21.91
C PHE A 117 7.48 -6.03 21.42
N ILE A 118 8.50 -6.66 21.99
CA ILE A 118 9.84 -6.41 21.54
C ILE A 118 10.46 -7.74 21.08
N PHE A 119 11.19 -7.70 19.96
CA PHE A 119 11.84 -8.90 19.44
C PHE A 119 13.34 -8.70 19.28
N PRO A 120 14.14 -9.55 19.91
CA PRO A 120 15.60 -9.59 19.71
C PRO A 120 15.96 -10.09 18.30
N PRO A 121 17.16 -9.77 17.80
CA PRO A 121 17.63 -10.32 16.53
C PRO A 121 17.70 -11.84 16.60
N SER A 122 17.44 -12.53 15.50
CA SER A 122 17.59 -13.98 15.50
C SER A 122 19.05 -14.35 15.46
N ASP A 123 19.37 -15.56 15.95
CA ASP A 123 20.72 -16.07 15.84
C ASP A 123 21.16 -16.16 14.37
N GLU A 124 20.22 -16.42 13.46
CA GLU A 124 20.57 -16.53 12.04
C GLU A 124 21.06 -15.21 11.49
N GLN A 125 20.33 -14.13 11.80
CA GLN A 125 20.73 -12.81 11.34
C GLN A 125 22.11 -12.44 11.85
N LEU A 126 22.35 -12.69 13.14
CA LEU A 126 23.62 -12.33 13.77
C LEU A 126 24.80 -12.94 13.02
N LYS A 127 24.61 -14.17 12.54
CA LYS A 127 25.67 -14.86 11.81
C LYS A 127 26.08 -14.11 10.56
N SER A 128 25.23 -13.22 10.08
CA SER A 128 25.48 -12.50 8.84
C SER A 128 26.05 -11.10 9.06
N GLY A 129 26.27 -10.72 10.31
CA GLY A 129 26.98 -9.49 10.61
C GLY A 129 26.16 -8.28 11.04
N THR A 130 24.83 -8.38 11.04
CA THR A 130 24.01 -7.27 11.52
C THR A 130 22.95 -7.74 12.51
N ALA A 131 22.46 -6.82 13.33
CA ALA A 131 21.40 -7.11 14.28
C ALA A 131 20.21 -6.15 14.10
N SER A 132 19.02 -6.71 13.92
CA SER A 132 17.81 -5.90 13.86
C SER A 132 17.01 -6.16 15.10
N VAL A 133 16.59 -5.10 15.77
CA VAL A 133 15.73 -5.26 16.93
C VAL A 133 14.41 -4.60 16.61
N VAL A 134 13.32 -5.34 16.84
CA VAL A 134 12.02 -4.88 16.40
C VAL A 134 11.06 -4.68 17.55
N CYS A 135 10.50 -3.50 17.56
CA CYS A 135 9.50 -3.14 18.51
C CYS A 135 8.15 -2.94 17.80
N LEU A 136 7.13 -3.58 18.35
CA LEU A 136 5.81 -3.63 17.73
C LEU A 136 4.75 -2.96 18.61
N LEU A 137 4.05 -1.98 18.03
CA LEU A 137 2.89 -1.34 18.68
C LEU A 137 1.65 -1.77 17.94
N ASN A 138 0.79 -2.53 18.63
CA ASN A 138 -0.31 -3.15 17.94
C ASN A 138 -1.68 -2.58 18.24
N ASN A 139 -2.41 -2.29 17.17
CA ASN A 139 -3.86 -2.00 17.24
C ASN A 139 -4.21 -0.84 18.14
N PHE A 140 -3.64 0.33 17.84
CA PHE A 140 -3.86 1.54 18.61
C PHE A 140 -4.58 2.65 17.81
N TYR A 141 -5.09 3.64 18.53
CA TYR A 141 -5.75 4.79 17.93
C TYR A 141 -5.72 5.94 18.97
N PRO A 142 -5.43 7.17 18.55
CA PRO A 142 -5.12 7.67 17.21
C PRO A 142 -3.73 7.31 16.74
N ARG A 143 -3.39 7.74 15.52
CA ARG A 143 -2.17 7.32 14.84
C ARG A 143 -0.88 7.76 15.54
N GLU A 144 -0.93 8.91 16.21
CA GLU A 144 0.24 9.49 16.86
C GLU A 144 0.72 8.60 18.00
N ALA A 145 2.00 8.32 17.98
CA ALA A 145 2.64 7.46 18.96
C ALA A 145 4.11 7.82 18.96
N LYS A 146 4.80 7.57 20.07
CA LYS A 146 6.19 7.93 20.16
C LYS A 146 6.94 6.74 20.67
N VAL A 147 7.96 6.34 19.91
CA VAL A 147 8.80 5.23 20.30
C VAL A 147 10.21 5.73 20.51
N GLN A 148 10.82 5.36 21.63
CA GLN A 148 12.21 5.75 21.92
C GLN A 148 13.01 4.50 22.28
N TRP A 149 14.13 4.31 21.59
CA TRP A 149 15.01 3.16 21.87
C TRP A 149 16.07 3.48 22.89
N LYS A 150 16.26 2.58 23.84
CA LYS A 150 17.34 2.68 24.79
C LYS A 150 18.21 1.42 24.78
N VAL A 151 19.50 1.64 24.80
CA VAL A 151 20.50 0.60 24.84
C VAL A 151 21.39 0.89 26.06
N ASP A 152 21.38 -0.03 27.03
CA ASP A 152 21.96 0.21 28.36
C ASP A 152 21.66 1.65 28.83
N ASN A 153 20.39 2.01 28.77
CA ASN A 153 19.86 3.32 29.20
C ASN A 153 20.24 4.52 28.34
N ALA A 154 21.08 4.33 27.31
CA ALA A 154 21.44 5.44 26.45
C ALA A 154 20.41 5.58 25.31
N LEU A 155 19.85 6.77 25.14
CA LEU A 155 18.87 7.04 24.09
C LEU A 155 19.48 6.96 22.69
N GLN A 156 18.88 6.16 21.81
CA GLN A 156 19.33 6.06 20.44
C GLN A 156 18.69 7.10 19.54
N SER A 157 19.37 7.51 18.48
CA SER A 157 18.75 8.32 17.45
C SER A 157 19.44 8.02 16.13
N GLY A 158 18.69 8.02 15.03
CA GLY A 158 19.27 7.87 13.70
C GLY A 158 19.57 6.45 13.26
N ASN A 159 19.36 5.47 14.11
CA ASN A 159 19.62 4.09 13.72
C ASN A 159 18.35 3.25 13.80
N SER A 160 17.19 3.90 13.72
CA SER A 160 15.92 3.17 13.66
C SER A 160 15.00 3.69 12.57
N GLN A 161 14.11 2.84 12.06
CA GLN A 161 13.10 3.30 11.12
C GLN A 161 11.73 2.78 11.51
N GLU A 162 10.72 3.59 11.21
CA GLU A 162 9.35 3.22 11.54
C GLU A 162 8.54 2.93 10.32
N SER A 163 7.54 2.08 10.50
CA SER A 163 6.57 1.83 9.46
C SER A 163 5.20 1.68 10.08
N VAL A 164 4.19 2.31 9.47
CA VAL A 164 2.84 2.27 10.03
C VAL A 164 1.86 1.65 9.04
N THR A 165 1.01 0.75 9.52
CA THR A 165 -0.04 0.25 8.65
C THR A 165 -1.06 1.34 8.33
N GLU A 166 -1.79 1.16 7.24
CA GLU A 166 -2.98 1.94 6.99
C GLU A 166 -4.05 1.54 8.00
N GLN A 167 -5.00 2.42 8.21
CA GLN A 167 -6.09 2.17 9.10
C GLN A 167 -6.73 0.85 8.73
N ASP A 168 -6.92 -0.01 9.72
CA ASP A 168 -7.58 -1.28 9.52
C ASP A 168 -9.05 -1.08 9.12
N SER A 169 -9.50 -1.78 8.09
CA SER A 169 -10.82 -1.54 7.50
C SER A 169 -12.00 -1.91 8.40
N LYS A 170 -11.78 -2.78 9.38
CA LYS A 170 -12.86 -3.19 10.28
C LYS A 170 -12.80 -2.58 11.69
N ASP A 171 -11.64 -2.52 12.34
CA ASP A 171 -11.62 -1.96 13.69
C ASP A 171 -11.01 -0.55 13.75
N SER A 172 -10.60 -0.03 12.59
CA SER A 172 -10.12 1.35 12.45
C SER A 172 -8.84 1.71 13.21
N THR A 173 -8.09 0.71 13.66
CA THR A 173 -6.86 0.94 14.40
C THR A 173 -5.66 0.91 13.48
N TYR A 174 -4.54 1.42 13.98
CA TYR A 174 -3.23 1.33 13.33
C TYR A 174 -2.31 0.37 14.08
N SER A 175 -1.27 -0.12 13.39
CA SER A 175 -0.17 -0.79 14.03
C SER A 175 1.14 -0.17 13.55
N LEU A 176 2.17 -0.29 14.36
CA LEU A 176 3.43 0.37 14.05
C LEU A 176 4.58 -0.54 14.42
N SER A 177 5.61 -0.55 13.59
CA SER A 177 6.84 -1.23 13.95
C SER A 177 7.98 -0.25 13.91
N SER A 178 8.86 -0.36 14.89
CA SER A 178 10.10 0.40 14.89
C SER A 178 11.28 -0.56 14.93
N THR A 179 12.19 -0.40 13.99
CA THR A 179 13.28 -1.36 13.83
C THR A 179 14.61 -0.69 14.11
N LEU A 180 15.34 -1.20 15.09
CA LEU A 180 16.66 -0.68 15.42
C LEU A 180 17.72 -1.55 14.77
N THR A 181 18.60 -0.92 13.98
CA THR A 181 19.64 -1.65 13.25
C THR A 181 21.03 -1.36 13.80
N LEU A 182 21.72 -2.39 14.26
CA LEU A 182 23.09 -2.28 14.74
C LEU A 182 24.00 -3.26 14.03
N SER A 183 25.31 -3.01 14.07
CA SER A 183 26.28 -4.00 13.65
C SER A 183 26.25 -5.10 14.68
N LYS A 184 26.67 -6.30 14.28
CA LYS A 184 26.79 -7.41 15.23
C LYS A 184 27.67 -7.01 16.41
N ALA A 185 28.84 -6.46 16.11
CA ALA A 185 29.79 -6.06 17.15
C ALA A 185 29.15 -5.07 18.13
N ASP A 186 28.48 -4.04 17.63
CA ASP A 186 27.83 -3.07 18.53
C ASP A 186 26.76 -3.76 19.38
N TYR A 187 25.97 -4.64 18.77
CA TYR A 187 24.92 -5.33 19.51
C TYR A 187 25.50 -6.13 20.68
N GLU A 188 26.63 -6.80 20.44
CA GLU A 188 27.29 -7.60 21.47
C GLU A 188 28.03 -6.78 22.53
N LYS A 189 28.18 -5.47 22.33
CA LYS A 189 28.82 -4.61 23.33
C LYS A 189 27.89 -4.19 24.47
N HIS A 190 26.58 -4.41 24.30
CA HIS A 190 25.60 -3.92 25.27
C HIS A 190 24.67 -5.02 25.73
N LYS A 191 24.00 -4.80 26.86
CA LYS A 191 23.17 -5.83 27.47
C LYS A 191 21.66 -5.58 27.34
N VAL A 192 21.17 -4.45 27.88
CA VAL A 192 19.74 -4.18 27.96
C VAL A 192 19.21 -3.36 26.79
N TYR A 193 18.28 -3.97 26.05
CA TYR A 193 17.66 -3.32 24.90
C TYR A 193 16.22 -3.02 25.19
N ALA A 194 15.84 -1.76 25.07
CA ALA A 194 14.50 -1.35 25.49
C ALA A 194 13.86 -0.39 24.53
N CYS A 195 12.56 -0.48 24.53
CA CYS A 195 11.69 0.24 23.65
C CYS A 195 10.69 0.95 24.54
N GLU A 196 10.66 2.28 24.49
CA GLU A 196 9.79 3.01 25.39
C GLU A 196 8.68 3.68 24.63
N VAL A 197 7.44 3.35 24.95
CA VAL A 197 6.32 3.81 24.15
C VAL A 197 5.39 4.78 24.87
N THR A 198 5.13 5.90 24.20
CA THR A 198 4.18 6.91 24.66
C THR A 198 2.98 7.02 23.74
N HIS A 199 1.77 7.04 24.29
CA HIS A 199 0.56 7.14 23.46
C HIS A 199 -0.60 7.69 24.28
N GLN A 200 -1.47 8.43 23.61
CA GLN A 200 -2.61 9.07 24.25
C GLN A 200 -3.40 8.09 25.15
N GLY A 201 -3.49 6.83 24.71
CA GLY A 201 -4.26 5.84 25.44
C GLY A 201 -3.59 5.23 26.67
N LEU A 202 -2.30 5.46 26.82
CA LEU A 202 -1.55 4.94 27.96
C LEU A 202 -1.41 6.05 28.97
N SER A 203 -1.75 5.78 30.23
CA SER A 203 -1.64 6.85 31.24
C SER A 203 -0.17 7.13 31.60
N SER A 204 0.73 6.21 31.26
CA SER A 204 2.15 6.42 31.46
C SER A 204 2.93 5.60 30.43
N PRO A 205 4.21 5.94 30.19
CA PRO A 205 4.96 5.20 29.17
C PRO A 205 5.10 3.70 29.45
N VAL A 206 4.99 2.91 28.40
CA VAL A 206 5.18 1.48 28.48
C VAL A 206 6.57 1.17 27.98
N THR A 207 7.33 0.40 28.76
CA THR A 207 8.67 -0.01 28.35
C THR A 207 8.68 -1.52 28.15
N LYS A 208 9.14 -1.98 26.99
CA LYS A 208 9.40 -3.41 26.82
C LYS A 208 10.89 -3.57 26.55
N SER A 209 11.51 -4.58 27.16
CA SER A 209 12.94 -4.77 27.04
C SER A 209 13.35 -6.22 27.18
N PHE A 210 14.60 -6.52 26.82
CA PHE A 210 15.21 -7.81 27.10
C PHE A 210 16.71 -7.62 27.35
N ASN A 211 17.34 -8.62 27.98
CA ASN A 211 18.78 -8.65 28.13
C ASN A 211 19.39 -9.53 27.05
N ARG A 212 20.37 -9.00 26.32
CA ARG A 212 20.95 -9.72 25.19
C ARG A 212 21.36 -11.12 25.57
N GLY A 213 20.69 -12.10 24.96
CA GLY A 213 21.06 -13.49 25.13
C GLY A 213 20.60 -14.11 26.44
N GLU A 214 19.33 -13.95 26.79
CA GLU A 214 18.80 -14.55 28.01
C GLU A 214 17.40 -15.15 27.83
N CYS A 215 17.38 -16.49 27.67
CA CYS A 215 16.21 -17.39 27.61
C CYS A 215 16.60 -18.73 26.96
N GLN B 1 -17.16 -12.71 -14.71
CA GLN B 1 -17.41 -11.27 -14.74
C GLN B 1 -16.25 -10.49 -15.38
N VAL B 2 -16.42 -9.17 -15.52
CA VAL B 2 -15.39 -8.31 -16.10
C VAL B 2 -14.11 -8.28 -15.28
N GLN B 3 -13.01 -8.75 -15.85
CA GLN B 3 -11.73 -8.68 -15.16
C GLN B 3 -10.61 -8.26 -16.11
N LEU B 4 -9.60 -7.61 -15.53
CA LEU B 4 -8.43 -7.13 -16.24
C LEU B 4 -7.21 -7.53 -15.42
N VAL B 5 -6.27 -8.25 -16.02
CA VAL B 5 -5.08 -8.62 -15.28
C VAL B 5 -3.79 -8.20 -15.99
N GLU B 6 -3.07 -7.26 -15.38
CA GLU B 6 -1.79 -6.79 -15.90
C GLU B 6 -0.67 -7.81 -15.69
N SER B 7 0.35 -7.74 -16.53
CA SER B 7 1.55 -8.54 -16.38
C SER B 7 2.74 -7.74 -16.88
N GLY B 8 3.93 -8.14 -16.46
CA GLY B 8 5.15 -7.55 -16.99
C GLY B 8 5.74 -6.44 -16.15
N GLY B 9 5.19 -6.24 -14.96
CA GLY B 9 5.75 -5.25 -14.06
C GLY B 9 7.13 -5.67 -13.58
N GLY B 10 7.92 -4.71 -13.12
CA GLY B 10 9.22 -5.02 -12.57
C GLY B 10 10.25 -3.91 -12.67
N LEU B 11 11.52 -4.33 -12.70
CA LEU B 11 12.65 -3.42 -12.70
C LEU B 11 13.08 -3.12 -14.13
N VAL B 12 13.47 -1.87 -14.38
CA VAL B 12 14.02 -1.46 -15.67
C VAL B 12 15.04 -0.35 -15.41
N GLN B 13 16.15 -0.35 -16.15
CA GLN B 13 17.17 0.68 -16.01
C GLN B 13 16.69 1.96 -16.67
N PRO B 14 17.17 3.12 -16.20
CA PRO B 14 16.80 4.38 -16.86
C PRO B 14 17.25 4.35 -18.32
N GLY B 15 16.38 4.81 -19.21
CA GLY B 15 16.66 4.75 -20.64
C GLY B 15 16.29 3.39 -21.22
N GLY B 16 15.80 2.50 -20.35
CA GLY B 16 15.44 1.17 -20.77
C GLY B 16 14.03 1.06 -21.33
N SER B 17 13.68 -0.16 -21.74
CA SER B 17 12.39 -0.45 -22.32
C SER B 17 11.72 -1.57 -21.52
N LEU B 18 10.39 -1.52 -21.43
CA LEU B 18 9.64 -2.53 -20.70
C LEU B 18 8.24 -2.57 -21.30
N ARG B 19 7.70 -3.76 -21.50
CA ARG B 19 6.36 -3.90 -22.07
C ARG B 19 5.38 -4.42 -21.01
N LEU B 20 4.24 -3.77 -20.88
CA LEU B 20 3.18 -4.29 -20.01
C LEU B 20 2.08 -4.94 -20.85
N SER B 21 1.33 -5.86 -20.24
CA SER B 21 0.22 -6.53 -20.90
C SER B 21 -1.02 -6.47 -20.03
N CYS B 22 -2.18 -6.75 -20.61
CA CYS B 22 -3.41 -6.88 -19.84
C CYS B 22 -4.34 -7.87 -20.51
N ALA B 23 -4.71 -8.92 -19.79
CA ALA B 23 -5.71 -9.85 -20.28
C ALA B 23 -7.09 -9.39 -19.84
N ALA B 24 -8.06 -9.48 -20.74
CA ALA B 24 -9.39 -8.98 -20.46
C ALA B 24 -10.43 -10.06 -20.69
N SER B 25 -11.44 -10.08 -19.83
CA SER B 25 -12.53 -11.04 -19.95
C SER B 25 -13.81 -10.51 -19.31
N GLY B 26 -14.92 -11.19 -19.53
CA GLY B 26 -16.18 -10.80 -18.93
C GLY B 26 -16.96 -9.75 -19.71
N PHE B 27 -16.46 -9.36 -20.88
CA PHE B 27 -17.18 -8.41 -21.72
C PHE B 27 -16.73 -8.46 -23.17
N THR B 28 -17.43 -7.76 -24.03
CA THR B 28 -17.05 -7.69 -25.44
C THR B 28 -15.91 -6.70 -25.60
N PHE B 29 -14.69 -7.23 -25.70
CA PHE B 29 -13.45 -6.44 -25.69
C PHE B 29 -13.38 -5.39 -26.80
N SER B 30 -13.80 -5.79 -27.99
CA SER B 30 -13.68 -4.94 -29.17
C SER B 30 -14.78 -3.90 -29.23
N SER B 31 -15.53 -3.76 -28.14
CA SER B 31 -16.65 -2.82 -28.08
C SER B 31 -16.33 -1.62 -27.17
N TYR B 32 -15.13 -1.61 -26.61
CA TYR B 32 -14.75 -0.59 -25.61
C TYR B 32 -13.39 0.05 -25.88
N TRP B 33 -13.31 1.36 -25.66
CA TRP B 33 -12.01 2.03 -25.60
C TRP B 33 -11.32 1.62 -24.29
N MET B 34 -10.01 1.43 -24.34
CA MET B 34 -9.25 1.02 -23.16
C MET B 34 -8.13 2.02 -22.86
N HIS B 35 -7.72 2.08 -21.59
CA HIS B 35 -6.68 3.04 -21.20
C HIS B 35 -5.65 2.43 -20.26
N TRP B 36 -4.54 3.15 -20.11
CA TRP B 36 -3.63 2.96 -18.98
C TRP B 36 -3.65 4.20 -18.11
N VAL B 37 -3.71 3.97 -16.80
CA VAL B 37 -3.68 5.06 -15.83
C VAL B 37 -2.64 4.68 -14.80
N ARG B 38 -1.81 5.62 -14.42
CA ARG B 38 -0.72 5.28 -13.51
C ARG B 38 -0.73 6.10 -12.22
N GLN B 39 -0.03 5.58 -11.23
CA GLN B 39 0.00 6.17 -9.89
C GLN B 39 1.38 6.02 -9.33
N ALA B 40 2.13 7.13 -9.28
CA ALA B 40 3.44 7.11 -8.66
C ALA B 40 3.28 6.79 -7.16
N PRO B 41 4.31 6.21 -6.53
CA PRO B 41 4.13 5.81 -5.12
C PRO B 41 3.74 6.99 -4.23
N GLY B 42 2.66 6.85 -3.47
CA GLY B 42 2.19 7.90 -2.59
C GLY B 42 1.64 9.13 -3.30
N LYS B 43 1.39 9.04 -4.60
CA LYS B 43 0.87 10.18 -5.35
C LYS B 43 -0.52 9.93 -5.90
N GLY B 44 -0.99 10.85 -6.73
CA GLY B 44 -2.34 10.76 -7.28
C GLY B 44 -2.36 9.99 -8.59
N LEU B 45 -3.49 10.03 -9.28
CA LEU B 45 -3.70 9.22 -10.46
C LEU B 45 -3.42 10.05 -11.71
N VAL B 46 -2.72 9.45 -12.67
CA VAL B 46 -2.34 10.14 -13.90
C VAL B 46 -2.66 9.29 -15.14
N TRP B 47 -3.53 9.82 -16.02
CA TRP B 47 -3.92 9.12 -17.25
C TRP B 47 -2.74 9.05 -18.23
N VAL B 48 -2.55 7.90 -18.86
CA VAL B 48 -1.34 7.65 -19.63
C VAL B 48 -1.60 7.56 -21.12
N SER B 49 -2.57 6.74 -21.52
CA SER B 49 -2.89 6.57 -22.94
C SER B 49 -4.27 5.98 -23.17
N ARG B 50 -4.73 6.07 -24.42
CA ARG B 50 -6.06 5.61 -24.79
C ARG B 50 -6.03 4.94 -26.15
N ILE B 51 -6.70 3.80 -26.27
CA ILE B 51 -6.81 3.15 -27.57
C ILE B 51 -8.28 2.99 -27.95
N ASN B 52 -8.59 3.25 -29.23
CA ASN B 52 -9.96 3.11 -29.69
C ASN B 52 -10.31 1.63 -29.82
N SER B 53 -11.56 1.34 -30.15
CA SER B 53 -12.09 -0.02 -30.12
C SER B 53 -11.26 -1.01 -30.92
N ASP B 54 -10.77 -0.57 -32.07
CA ASP B 54 -10.18 -1.49 -33.05
C ASP B 54 -8.65 -1.47 -33.06
N GLY B 55 -8.04 -0.63 -32.24
CA GLY B 55 -6.59 -0.60 -32.16
C GLY B 55 -5.86 0.28 -33.15
N SER B 56 -6.59 1.00 -34.01
CA SER B 56 -5.97 1.79 -35.06
C SER B 56 -5.60 3.22 -34.63
N ASP B 57 -6.20 3.68 -33.52
CA ASP B 57 -6.02 5.06 -33.11
C ASP B 57 -5.75 5.22 -31.63
N THR B 58 -4.71 5.98 -31.30
CA THR B 58 -4.33 6.17 -29.91
C THR B 58 -4.08 7.63 -29.54
N ASN B 59 -4.40 7.98 -28.29
CA ASN B 59 -4.04 9.26 -27.66
C ASN B 59 -3.11 9.02 -26.46
N TYR B 60 -2.13 9.91 -26.29
CA TYR B 60 -1.15 9.79 -25.22
C TYR B 60 -1.08 11.05 -24.36
N ALA B 61 -0.83 10.90 -23.06
CA ALA B 61 -0.50 12.07 -22.26
C ALA B 61 0.79 12.69 -22.78
N ASP B 62 0.94 13.99 -22.59
CA ASP B 62 2.10 14.74 -23.10
C ASP B 62 3.46 14.21 -22.63
N SER B 63 3.53 13.76 -21.38
CA SER B 63 4.82 13.41 -20.79
C SER B 63 5.30 12.06 -21.28
N VAL B 64 4.45 11.42 -22.07
CA VAL B 64 4.63 10.04 -22.44
C VAL B 64 4.73 9.91 -23.96
N LYS B 65 4.17 10.89 -24.68
CA LYS B 65 4.07 10.83 -26.13
C LYS B 65 5.44 10.68 -26.82
N GLY B 66 5.52 9.75 -27.76
CA GLY B 66 6.76 9.52 -28.49
C GLY B 66 7.57 8.36 -27.92
N ARG B 67 7.28 7.98 -26.67
CA ARG B 67 8.06 6.94 -26.00
C ARG B 67 7.25 5.68 -25.71
N PHE B 68 5.95 5.85 -25.50
CA PHE B 68 5.08 4.71 -25.23
C PHE B 68 4.32 4.35 -26.49
N THR B 69 3.97 3.07 -26.63
CA THR B 69 3.19 2.61 -27.75
C THR B 69 2.09 1.69 -27.24
N PHE B 70 0.85 2.09 -27.49
CA PHE B 70 -0.33 1.39 -26.98
C PHE B 70 -0.97 0.61 -28.11
N SER B 71 -0.96 -0.72 -27.99
CA SER B 71 -1.54 -1.60 -29.00
C SER B 71 -2.50 -2.59 -28.39
N ARG B 72 -3.32 -3.21 -29.23
CA ARG B 72 -4.25 -4.23 -28.77
C ARG B 72 -4.46 -5.34 -29.80
N ASP B 73 -4.66 -6.55 -29.29
CA ASP B 73 -4.92 -7.71 -30.12
C ASP B 73 -6.29 -8.26 -29.75
N ASN B 74 -7.27 -8.02 -30.60
CA ASN B 74 -8.64 -8.37 -30.26
C ASN B 74 -8.94 -9.85 -30.45
N ALA B 75 -7.99 -10.57 -31.06
CA ALA B 75 -8.07 -12.03 -31.16
C ALA B 75 -7.70 -12.64 -29.81
N LYS B 76 -6.53 -12.25 -29.29
CA LYS B 76 -6.07 -12.70 -27.99
C LYS B 76 -6.70 -11.93 -26.83
N ASN B 77 -7.48 -10.89 -27.13
CA ASN B 77 -8.11 -10.09 -26.08
C ASN B 77 -7.06 -9.49 -25.15
N THR B 78 -5.98 -8.99 -25.75
CA THR B 78 -4.81 -8.53 -25.02
C THR B 78 -4.39 -7.08 -25.35
N LEU B 79 -4.12 -6.29 -24.31
CA LEU B 79 -3.56 -4.95 -24.44
C LEU B 79 -2.07 -4.96 -24.18
N TYR B 80 -1.33 -4.15 -24.92
CA TYR B 80 0.10 -4.04 -24.70
C TYR B 80 0.47 -2.58 -24.57
N LEU B 81 1.37 -2.26 -23.65
CA LEU B 81 1.94 -0.92 -23.56
C LEU B 81 3.45 -1.01 -23.66
N GLN B 82 3.99 -0.74 -24.84
CA GLN B 82 5.42 -0.72 -25.05
C GLN B 82 5.99 0.57 -24.52
N MET B 83 6.78 0.49 -23.45
CA MET B 83 7.42 1.67 -22.91
C MET B 83 8.89 1.70 -23.30
N THR B 84 9.37 2.85 -23.77
CA THR B 84 10.76 3.00 -24.18
C THR B 84 11.38 4.25 -23.55
N SER B 85 12.71 4.30 -23.56
CA SER B 85 13.48 5.38 -22.94
C SER B 85 12.88 5.81 -21.61
N LEU B 86 12.77 4.86 -20.70
CA LEU B 86 12.08 5.11 -19.45
C LEU B 86 12.88 6.00 -18.53
N ARG B 87 12.15 6.77 -17.71
CA ARG B 87 12.74 7.70 -16.76
C ARG B 87 12.26 7.42 -15.34
N ALA B 88 12.98 7.98 -14.38
CA ALA B 88 12.65 7.86 -12.97
C ALA B 88 11.22 8.27 -12.68
N GLU B 89 10.79 9.38 -13.27
CA GLU B 89 9.43 9.84 -13.07
C GLU B 89 8.35 8.93 -13.68
N ASP B 90 8.75 7.84 -14.33
CA ASP B 90 7.80 6.90 -14.87
C ASP B 90 7.50 5.79 -13.86
N THR B 91 8.21 5.82 -12.74
CA THR B 91 8.02 4.80 -11.71
C THR B 91 6.62 4.92 -11.11
N ALA B 92 5.87 3.83 -11.15
CA ALA B 92 4.46 3.89 -10.81
C ALA B 92 3.81 2.53 -10.88
N ILE B 93 2.66 2.41 -10.23
CA ILE B 93 1.76 1.32 -10.53
C ILE B 93 0.99 1.69 -11.78
N TYR B 94 0.93 0.77 -12.75
CA TYR B 94 0.16 1.03 -13.97
C TYR B 94 -1.12 0.20 -13.97
N TYR B 95 -2.26 0.89 -14.07
CA TYR B 95 -3.54 0.19 -14.11
C TYR B 95 -4.10 0.13 -15.52
N CYS B 96 -4.35 -1.09 -15.98
CA CYS B 96 -5.18 -1.36 -17.15
C CYS B 96 -6.61 -0.98 -16.80
N THR B 97 -7.28 -0.26 -17.69
CA THR B 97 -8.62 0.22 -17.36
C THR B 97 -9.56 0.26 -18.59
N ARG B 98 -10.86 0.12 -18.34
CA ARG B 98 -11.85 0.19 -19.41
C ARG B 98 -12.57 1.53 -19.43
N GLY B 99 -12.56 2.16 -20.60
CA GLY B 99 -13.12 3.49 -20.78
C GLY B 99 -14.61 3.47 -21.08
N ARG B 100 -15.32 4.42 -20.51
CA ARG B 100 -16.73 4.63 -20.81
C ARG B 100 -16.97 6.08 -21.17
N SER B 101 -18.06 6.36 -21.87
CA SER B 101 -18.38 7.72 -22.29
C SER B 101 -17.14 8.38 -22.90
N TYR B 102 -16.88 9.64 -22.57
CA TYR B 102 -15.73 10.35 -23.14
C TYR B 102 -14.43 9.99 -22.43
N GLY B 103 -14.54 9.31 -21.30
CA GLY B 103 -13.36 8.76 -20.65
C GLY B 103 -13.37 8.63 -19.14
N PHE B 104 -14.41 8.05 -18.55
CA PHE B 104 -14.28 7.61 -17.16
C PHE B 104 -14.07 6.11 -17.17
N PHE B 105 -13.56 5.59 -16.07
CA PHE B 105 -13.04 4.23 -16.05
C PHE B 105 -13.80 3.36 -15.05
N ASP B 106 -14.71 2.53 -15.55
CA ASP B 106 -15.62 1.78 -14.67
C ASP B 106 -15.04 0.45 -14.18
N TYR B 107 -13.92 0.02 -14.77
CA TYR B 107 -13.20 -1.17 -14.29
C TYR B 107 -11.70 -0.99 -14.38
N TRP B 108 -11.02 -1.52 -13.37
CA TRP B 108 -9.58 -1.38 -13.21
C TRP B 108 -8.99 -2.75 -12.90
N GLY B 109 -7.77 -3.00 -13.35
CA GLY B 109 -7.05 -4.19 -12.96
C GLY B 109 -6.40 -3.96 -11.59
N GLN B 110 -5.69 -4.95 -11.09
CA GLN B 110 -5.00 -4.81 -9.82
C GLN B 110 -3.75 -3.92 -9.97
N GLY B 111 -3.26 -3.79 -11.19
CA GLY B 111 -2.13 -2.91 -11.45
C GLY B 111 -0.79 -3.61 -11.36
N ALA B 112 0.16 -3.14 -12.15
CA ALA B 112 1.50 -3.72 -12.17
C ALA B 112 2.50 -2.63 -11.86
N LEU B 113 3.41 -2.92 -10.95
CA LEU B 113 4.38 -1.94 -10.51
C LEU B 113 5.59 -1.93 -11.42
N VAL B 114 5.91 -0.75 -11.94
CA VAL B 114 7.10 -0.56 -12.72
C VAL B 114 8.06 0.33 -11.94
N THR B 115 9.29 -0.14 -11.77
CA THR B 115 10.32 0.62 -11.06
C THR B 115 11.50 0.90 -11.99
N VAL B 116 11.73 2.19 -12.24
CA VAL B 116 12.85 2.63 -13.06
C VAL B 116 14.00 3.05 -12.16
N SER B 117 15.06 2.25 -12.16
CA SER B 117 16.23 2.54 -11.33
C SER B 117 17.45 1.86 -11.92
N SER B 118 18.63 2.46 -11.73
CA SER B 118 19.85 1.92 -12.29
C SER B 118 20.47 0.85 -11.37
N ALA B 119 19.84 0.61 -10.24
CA ALA B 119 20.25 -0.47 -9.34
C ALA B 119 19.93 -1.85 -9.92
N SER B 120 20.41 -2.89 -9.26
CA SER B 120 20.13 -4.25 -9.71
C SER B 120 19.15 -4.95 -8.73
N THR B 121 18.55 -6.02 -9.23
CA THR B 121 17.56 -6.80 -8.48
C THR B 121 18.20 -7.63 -7.36
N LYS B 122 17.53 -7.76 -6.23
CA LYS B 122 18.06 -8.52 -5.10
C LYS B 122 16.97 -9.13 -4.22
N GLY B 123 17.09 -10.42 -3.94
CA GLY B 123 16.13 -11.11 -3.09
C GLY B 123 16.30 -10.86 -1.59
N PRO B 124 15.18 -10.91 -0.84
CA PRO B 124 15.17 -10.71 0.61
C PRO B 124 15.83 -11.83 1.42
N SER B 125 16.37 -11.50 2.58
CA SER B 125 16.65 -12.51 3.60
C SER B 125 15.45 -12.51 4.53
N VAL B 126 15.10 -13.66 5.10
CA VAL B 126 13.92 -13.76 5.95
C VAL B 126 14.30 -14.32 7.31
N PHE B 127 14.05 -13.55 8.37
CA PHE B 127 14.46 -13.96 9.71
C PHE B 127 13.23 -14.01 10.60
N PRO B 128 13.21 -14.95 11.55
CA PRO B 128 12.05 -15.11 12.43
C PRO B 128 12.03 -14.03 13.51
N LEU B 129 10.83 -13.57 13.83
CA LEU B 129 10.55 -12.76 15.00
C LEU B 129 9.82 -13.70 15.94
N ALA B 130 10.60 -14.34 16.80
CA ALA B 130 10.13 -15.48 17.59
C ALA B 130 9.18 -15.02 18.67
N PRO B 131 8.11 -15.80 18.91
CA PRO B 131 7.20 -15.57 20.04
C PRO B 131 7.86 -16.00 21.35
N SER B 132 7.53 -15.31 22.43
CA SER B 132 7.93 -15.75 23.77
C SER B 132 6.66 -16.04 24.56
N SER B 133 6.61 -17.18 25.23
CA SER B 133 5.54 -17.47 26.17
C SER B 133 5.63 -16.47 27.33
N LYS B 134 6.82 -15.91 27.52
CA LYS B 134 7.11 -14.98 28.60
C LYS B 134 6.70 -13.56 28.24
N SER B 135 7.64 -12.83 27.65
CA SER B 135 7.46 -11.40 27.35
C SER B 135 6.36 -11.15 26.34
N THR B 136 5.11 -11.48 26.68
CA THR B 136 4.02 -11.31 25.72
C THR B 136 2.60 -11.42 26.35
N SER B 137 1.85 -10.33 26.28
CA SER B 137 0.45 -10.29 26.75
C SER B 137 -0.38 -9.18 26.07
N GLY B 138 -1.65 -9.10 26.45
CA GLY B 138 -2.61 -8.18 25.85
C GLY B 138 -3.63 -8.94 25.01
N THR B 140 -2.84 -12.42 22.90
CA THR B 140 -1.99 -12.68 24.06
C THR B 140 -0.51 -12.85 23.55
N ALA B 141 -0.24 -13.64 22.50
CA ALA B 141 1.14 -13.75 21.97
C ALA B 141 1.40 -13.12 20.57
N ALA B 142 2.65 -12.73 20.28
CA ALA B 142 2.98 -12.20 18.95
C ALA B 142 4.24 -12.77 18.31
N LEU B 143 4.19 -12.95 16.99
CA LEU B 143 5.35 -13.47 16.27
C LEU B 143 5.39 -12.91 14.85
N GLY B 144 6.47 -13.19 14.13
CA GLY B 144 6.59 -12.65 12.79
C GLY B 144 7.81 -13.03 11.99
N CYS B 145 7.88 -12.46 10.79
CA CYS B 145 9.03 -12.57 9.94
C CYS B 145 9.59 -11.19 9.59
N LEU B 146 10.90 -11.06 9.70
CA LEU B 146 11.60 -9.89 9.21
C LEU B 146 12.11 -10.21 7.82
N VAL B 147 11.60 -9.44 6.85
CA VAL B 147 11.90 -9.64 5.44
C VAL B 147 12.85 -8.53 4.97
N LYS B 148 14.15 -8.81 4.96
CA LYS B 148 15.15 -7.74 4.90
C LYS B 148 16.01 -7.73 3.62
N ASP B 149 16.36 -6.52 3.19
CA ASP B 149 17.34 -6.28 2.13
C ASP B 149 16.92 -6.81 0.75
N TYR B 150 15.87 -6.23 0.17
CA TYR B 150 15.49 -6.64 -1.17
C TYR B 150 15.26 -5.44 -2.09
N PHE B 151 15.21 -5.71 -3.39
CA PHE B 151 14.97 -4.66 -4.37
C PHE B 151 14.52 -5.25 -5.71
N PRO B 152 13.56 -4.61 -6.37
CA PRO B 152 12.77 -3.48 -5.88
C PRO B 152 11.57 -4.01 -5.14
N GLU B 153 10.64 -3.12 -4.78
CA GLU B 153 9.30 -3.56 -4.39
C GLU B 153 8.66 -4.29 -5.60
N PRO B 154 7.71 -5.19 -5.34
CA PRO B 154 7.12 -5.58 -4.06
C PRO B 154 7.49 -6.99 -3.59
N VAL B 155 7.13 -7.34 -2.35
CA VAL B 155 7.11 -8.73 -1.88
C VAL B 155 5.71 -9.07 -1.43
N THR B 156 5.36 -10.35 -1.44
CA THR B 156 4.14 -10.82 -0.79
C THR B 156 4.50 -11.70 0.39
N VAL B 157 3.77 -11.52 1.47
CA VAL B 157 3.89 -12.37 2.64
C VAL B 157 2.51 -12.93 2.94
N SER B 158 2.46 -14.24 3.09
CA SER B 158 1.28 -14.91 3.60
C SER B 158 1.71 -15.78 4.77
N TRP B 159 0.75 -16.33 5.50
CA TRP B 159 1.05 -17.25 6.60
C TRP B 159 0.37 -18.59 6.39
N ASN B 160 1.13 -19.65 6.62
CA ASN B 160 0.66 -21.02 6.48
C ASN B 160 -0.02 -21.22 5.14
N SER B 161 0.64 -20.68 4.12
CA SER B 161 0.17 -20.74 2.73
C SER B 161 -1.21 -20.13 2.54
N GLY B 162 -1.62 -19.26 3.45
CA GLY B 162 -2.89 -18.58 3.32
C GLY B 162 -3.92 -19.01 4.35
N ALA B 163 -3.62 -20.06 5.09
CA ALA B 163 -4.55 -20.56 6.10
C ALA B 163 -4.70 -19.59 7.27
N LEU B 164 -3.70 -18.74 7.49
CA LEU B 164 -3.71 -17.81 8.61
C LEU B 164 -3.78 -16.36 8.12
N THR B 165 -4.89 -15.70 8.43
CA THR B 165 -5.14 -14.36 7.91
C THR B 165 -5.53 -13.39 9.01
N SER B 166 -6.19 -13.88 10.05
CA SER B 166 -6.67 -12.98 11.08
C SER B 166 -5.54 -12.67 12.06
N GLY B 167 -5.50 -11.42 12.51
CA GLY B 167 -4.44 -10.91 13.34
C GLY B 167 -3.14 -10.67 12.59
N VAL B 168 -3.15 -10.71 11.26
CA VAL B 168 -1.93 -10.49 10.49
C VAL B 168 -1.74 -9.02 10.08
N HIS B 169 -0.55 -8.49 10.33
CA HIS B 169 -0.19 -7.16 9.85
C HIS B 169 1.10 -7.25 9.08
N THR B 170 1.05 -6.87 7.82
CA THR B 170 2.25 -6.82 7.02
C THR B 170 2.55 -5.35 6.74
N PHE B 171 3.60 -4.84 7.37
CA PHE B 171 3.91 -3.42 7.33
C PHE B 171 4.37 -2.99 5.96
N PRO B 172 4.02 -1.76 5.57
CA PRO B 172 4.59 -1.13 4.36
C PRO B 172 6.12 -1.17 4.46
N ALA B 173 6.78 -1.48 3.36
CA ALA B 173 8.25 -1.54 3.32
C ALA B 173 8.85 -0.16 3.54
N VAL B 174 10.03 -0.10 4.15
CA VAL B 174 10.73 1.19 4.19
C VAL B 174 12.06 1.03 3.48
N LEU B 175 12.47 2.08 2.79
CA LEU B 175 13.76 2.11 2.12
C LEU B 175 14.86 2.37 3.14
N GLN B 176 15.82 1.46 3.22
CA GLN B 176 16.90 1.62 4.18
C GLN B 176 17.95 2.49 3.53
N SER B 177 18.86 3.03 4.34
CA SER B 177 19.87 3.92 3.81
C SER B 177 20.80 3.20 2.84
N SER B 178 20.70 1.87 2.79
CA SER B 178 21.52 1.11 1.86
C SER B 178 20.90 1.10 0.47
N GLY B 179 19.67 1.57 0.36
CA GLY B 179 18.99 1.58 -0.92
C GLY B 179 18.18 0.31 -1.11
N LEU B 180 18.22 -0.56 -0.11
CA LEU B 180 17.45 -1.79 -0.12
C LEU B 180 16.23 -1.64 0.80
N TYR B 181 15.10 -2.21 0.39
CA TYR B 181 13.89 -2.21 1.22
C TYR B 181 13.94 -3.26 2.34
N SER B 182 13.05 -3.10 3.31
CA SER B 182 12.93 -4.03 4.41
C SER B 182 11.54 -3.89 5.03
N LEU B 183 10.97 -4.99 5.50
CA LEU B 183 9.68 -4.95 6.21
C LEU B 183 9.52 -6.15 7.12
N SER B 184 8.57 -6.04 8.04
CA SER B 184 8.19 -7.18 8.86
C SER B 184 6.73 -7.54 8.62
N SER B 185 6.41 -8.81 8.80
CA SER B 185 5.03 -9.24 8.87
C SER B 185 4.84 -9.89 10.23
N VAL B 186 3.83 -9.46 10.98
CA VAL B 186 3.56 -10.00 12.29
C VAL B 186 2.16 -10.54 12.43
N VAL B 187 1.98 -11.45 13.37
CA VAL B 187 0.66 -11.95 13.68
C VAL B 187 0.54 -12.20 15.18
N THR B 188 -0.63 -11.91 15.73
CA THR B 188 -0.92 -12.20 17.13
C THR B 188 -1.61 -13.58 17.20
N VAL B 189 -1.19 -14.40 18.14
CA VAL B 189 -1.63 -15.80 18.21
C VAL B 189 -1.78 -16.22 19.67
N PRO B 190 -2.53 -17.29 19.92
CA PRO B 190 -2.72 -17.72 21.32
C PRO B 190 -1.43 -18.22 21.94
N SER B 191 -1.22 -17.88 23.22
CA SER B 191 -0.11 -18.44 23.99
C SER B 191 -0.19 -19.94 24.13
N SER B 192 -1.40 -20.45 24.35
CA SER B 192 -1.60 -21.87 24.57
C SER B 192 -1.20 -22.73 23.37
N SER B 193 -1.35 -22.17 22.17
CA SER B 193 -1.16 -22.94 20.95
C SER B 193 0.29 -23.06 20.49
N LEU B 194 1.21 -22.30 21.08
CA LEU B 194 2.59 -22.39 20.66
C LEU B 194 3.02 -23.76 21.02
N GLY B 195 3.84 -24.37 20.19
CA GLY B 195 4.28 -25.72 20.48
C GLY B 195 3.43 -26.74 19.76
N THR B 196 2.13 -26.53 19.77
CA THR B 196 1.24 -27.44 19.10
C THR B 196 1.03 -26.98 17.67
N GLN B 197 0.83 -25.69 17.50
CA GLN B 197 0.61 -25.14 16.20
C GLN B 197 1.88 -24.73 15.48
N THR B 198 1.85 -24.82 14.16
CA THR B 198 3.00 -24.47 13.39
C THR B 198 2.75 -23.18 12.66
N TYR B 199 3.73 -22.29 12.71
CA TYR B 199 3.62 -21.02 12.02
C TYR B 199 4.74 -20.86 11.02
N ILE B 200 4.37 -20.66 9.77
CA ILE B 200 5.32 -20.51 8.68
C ILE B 200 4.95 -19.30 7.85
N CYS B 201 5.91 -18.42 7.60
CA CYS B 201 5.61 -17.31 6.70
C CYS B 201 6.13 -17.64 5.31
N ASN B 202 5.35 -17.28 4.30
CA ASN B 202 5.72 -17.54 2.93
C ASN B 202 5.98 -16.22 2.23
N VAL B 203 7.21 -16.03 1.78
CA VAL B 203 7.60 -14.79 1.15
C VAL B 203 7.89 -15.01 -0.33
N ASN B 204 7.30 -14.18 -1.18
CA ASN B 204 7.53 -14.27 -2.62
C ASN B 204 8.02 -12.90 -3.12
N HIS B 205 9.15 -12.91 -3.79
CA HIS B 205 9.70 -11.70 -4.40
C HIS B 205 9.98 -11.97 -5.88
N LYS B 206 8.98 -11.70 -6.71
CA LYS B 206 9.03 -12.09 -8.11
C LYS B 206 10.13 -11.43 -8.95
N PRO B 207 10.53 -10.17 -8.65
CA PRO B 207 11.57 -9.64 -9.54
C PRO B 207 12.90 -10.39 -9.46
N SER B 208 13.18 -11.05 -8.35
CA SER B 208 14.43 -11.80 -8.19
C SER B 208 14.26 -13.31 -8.30
N ASN B 209 13.01 -13.76 -8.46
CA ASN B 209 12.68 -15.18 -8.42
C ASN B 209 13.09 -15.77 -7.07
N THR B 210 12.58 -15.20 -5.99
CA THR B 210 12.88 -15.68 -4.65
C THR B 210 11.59 -16.09 -3.95
N LYS B 211 11.52 -17.35 -3.56
CA LYS B 211 10.44 -17.84 -2.70
C LYS B 211 11.04 -18.47 -1.46
N VAL B 212 10.64 -17.98 -0.31
CA VAL B 212 11.13 -18.48 0.99
C VAL B 212 9.97 -18.87 1.91
N ASP B 213 10.11 -20.02 2.56
CA ASP B 213 9.25 -20.35 3.69
C ASP B 213 10.13 -20.34 4.92
N LYS B 214 9.69 -19.64 5.97
CA LYS B 214 10.40 -19.68 7.26
C LYS B 214 9.45 -20.08 8.36
N ARG B 215 9.86 -21.11 9.09
CA ARG B 215 9.13 -21.56 10.24
C ARG B 215 9.53 -20.68 11.41
N VAL B 216 8.54 -20.19 12.13
CA VAL B 216 8.82 -19.28 13.23
C VAL B 216 8.42 -19.93 14.55
N GLU B 217 9.40 -20.01 15.44
CA GLU B 217 9.26 -20.82 16.63
C GLU B 217 9.82 -20.12 17.87
N PRO B 218 9.21 -20.39 19.03
CA PRO B 218 9.76 -19.93 20.32
C PRO B 218 11.19 -20.43 20.51
N LYS B 219 12.10 -19.58 20.94
CA LYS B 219 13.48 -20.02 21.18
C LYS B 219 13.58 -20.72 22.55
N SER B 220 14.68 -21.41 22.80
CA SER B 220 14.86 -22.13 24.07
C SER B 220 16.23 -21.88 24.67
#